data_2XX5
#
_entry.id   2XX5
#
_cell.length_a   74.160
_cell.length_b   74.160
_cell.length_c   110.220
_cell.angle_alpha   90.00
_cell.angle_beta   90.00
_cell.angle_gamma   90.00
#
_symmetry.space_group_name_H-M   'P 43 2 2'
#
loop_
_entity.id
_entity.type
_entity.pdbx_description
1 polymer 'ATP-DEPENDENT MOLECULAR CHAPERONE HSP82'
2 non-polymer (5E,10R)-N-BENZYL-13-CHLORO-14,16-DIHYDROXY-1,11-DIOXO-1,2,3,4,7,8,9,10,11,12-DECAHYDRO-2-BENZAZACYCLOTETRADECINE-10-CARBOXAMIDE
3 non-polymer GLYCEROL
4 water water
#
_entity_poly.entity_id   1
_entity_poly.type   'polypeptide(L)'
_entity_poly.pdbx_seq_one_letter_code
;MASETFEFQAEITQLMSLIINTVYSNKEIFLRELISNASDALDKIRYKSLSDPKQLETEPDLFIRITPKPEQKVLEIRDS
GIGMTKAELINNLGTIAKSGTKAFMEALSAGADVSMIGQFGVGFYSLFLVADRVQVISKSNDDEQYIWESNAGGSFTVTL
DEVNERIGRGTILRLFLKDDQLEYLEEKRIKEVIKRHSEFVAYPIQLVVTKEVE
;
_entity_poly.pdbx_strand_id   A
#
# COMPACT_ATOMS: atom_id res chain seq x y z
N MET A 1 -3.69 -8.57 23.53
CA MET A 1 -2.82 -7.57 22.89
C MET A 1 -3.65 -6.41 22.35
N ALA A 2 -3.67 -5.30 23.08
CA ALA A 2 -4.58 -4.20 22.80
C ALA A 2 -4.16 -3.32 21.61
N SER A 3 -5.15 -2.90 20.83
CA SER A 3 -4.92 -1.96 19.74
C SER A 3 -5.19 -0.54 20.20
N GLU A 4 -4.37 0.40 19.74
CA GLU A 4 -4.61 1.81 19.98
C GLU A 4 -5.38 2.43 18.83
N THR A 5 -6.24 3.39 19.14
CA THR A 5 -7.07 4.02 18.12
C THR A 5 -6.75 5.50 17.99
N PHE A 6 -6.75 6.00 16.75
CA PHE A 6 -6.42 7.39 16.47
C PHE A 6 -7.40 7.97 15.46
N GLU A 7 -7.55 9.29 15.50
CA GLU A 7 -8.50 9.97 14.61
C GLU A 7 -7.77 10.58 13.42
N PHE A 8 -8.35 10.42 12.23
CA PHE A 8 -7.79 11.01 11.03
C PHE A 8 -7.95 12.52 11.02
N GLN A 9 -7.00 13.22 10.43
CA GLN A 9 -7.15 14.64 10.16
C GLN A 9 -8.34 14.79 9.23
N ALA A 10 -9.14 15.84 9.46
CA ALA A 10 -10.41 16.03 8.74
C ALA A 10 -10.30 15.86 7.21
N GLU A 11 -9.23 16.39 6.63
CA GLU A 11 -9.06 16.39 5.18
C GLU A 11 -8.75 15.00 4.61
N ILE A 12 -8.42 14.05 5.48
CA ILE A 12 -8.11 12.69 5.05
C ILE A 12 -9.39 11.85 4.98
N THR A 13 -10.18 11.92 6.05
CA THR A 13 -11.47 11.25 6.08
C THR A 13 -12.28 11.65 4.85
N GLN A 14 -12.27 12.94 4.54
CA GLN A 14 -12.97 13.49 3.39
C GLN A 14 -12.50 12.79 2.11
N LEU A 15 -11.19 12.87 1.85
CA LEU A 15 -10.60 12.26 0.65
C LEU A 15 -10.95 10.78 0.52
N MET A 16 -10.93 10.06 1.63
CA MET A 16 -11.17 8.62 1.62
C MET A 16 -12.63 8.27 1.29
N SER A 17 -13.55 9.10 1.76
CA SER A 17 -14.96 8.93 1.45
C SER A 17 -15.17 9.38 0.01
N LEU A 18 -14.37 10.35 -0.41
CA LEU A 18 -14.43 10.91 -1.76
C LEU A 18 -13.82 9.97 -2.79
N ILE A 19 -13.40 8.79 -2.35
CA ILE A 19 -12.74 7.81 -3.23
C ILE A 19 -13.35 6.42 -3.15
N ILE A 20 -13.77 5.99 -1.96
CA ILE A 20 -14.39 4.67 -1.82
C ILE A 20 -15.76 4.64 -2.48
N ASN A 21 -16.40 5.81 -2.57
CA ASN A 21 -17.75 5.91 -3.11
C ASN A 21 -17.80 6.33 -4.59
N THR A 22 -16.64 6.63 -5.17
CA THR A 22 -16.59 7.15 -6.53
C THR A 22 -16.92 6.08 -7.58
N VAL A 23 -17.50 6.52 -8.69
CA VAL A 23 -17.84 5.61 -9.79
C VAL A 23 -16.82 5.70 -10.92
N TYR A 24 -15.72 6.41 -10.67
CA TYR A 24 -14.60 6.49 -11.60
C TYR A 24 -14.33 5.10 -12.21
N SER A 25 -14.10 5.05 -13.51
CA SER A 25 -14.08 3.78 -14.23
C SER A 25 -12.69 3.18 -14.47
N ASN A 26 -11.64 3.91 -14.12
CA ASN A 26 -10.28 3.43 -14.35
C ASN A 26 -9.59 3.06 -13.02
N LYS A 27 -10.24 2.15 -12.29
CA LYS A 27 -9.84 1.80 -10.93
C LYS A 27 -8.48 1.14 -10.81
N GLU A 28 -7.96 0.62 -11.92
CA GLU A 28 -6.75 -0.20 -11.88
C GLU A 28 -5.51 0.61 -11.54
N ILE A 29 -5.60 1.93 -11.57
CA ILE A 29 -4.40 2.74 -11.34
C ILE A 29 -3.89 2.66 -9.90
N PHE A 30 -4.70 2.10 -9.00
CA PHE A 30 -4.24 1.92 -7.62
C PHE A 30 -2.91 1.17 -7.58
N LEU A 31 -2.75 0.16 -8.43
CA LEU A 31 -1.57 -0.69 -8.39
C LEU A 31 -0.29 0.06 -8.75
N ARG A 32 -0.38 0.97 -9.72
CA ARG A 32 0.78 1.79 -10.06
C ARG A 32 1.22 2.63 -8.87
N GLU A 33 0.25 3.22 -8.18
CA GLU A 33 0.54 4.03 -7.00
C GLU A 33 1.22 3.23 -5.90
N LEU A 34 0.75 2.01 -5.66
CA LEU A 34 1.31 1.16 -4.61
C LEU A 34 2.70 0.64 -4.98
N ILE A 35 2.87 0.28 -6.24
CA ILE A 35 4.18 -0.14 -6.72
C ILE A 35 5.18 1.01 -6.62
N SER A 36 4.72 2.22 -6.94
CA SER A 36 5.56 3.40 -6.84
C SER A 36 6.02 3.65 -5.41
N ASN A 37 5.08 3.60 -4.47
CA ASN A 37 5.40 3.76 -3.06
C ASN A 37 6.39 2.71 -2.59
N ALA A 38 6.22 1.50 -3.10
CA ALA A 38 7.12 0.40 -2.78
C ALA A 38 8.52 0.71 -3.31
N SER A 39 8.59 1.12 -4.57
CA SER A 39 9.87 1.47 -5.19
C SER A 39 10.58 2.55 -4.37
N ASP A 40 9.83 3.57 -3.97
CA ASP A 40 10.38 4.63 -3.13
C ASP A 40 10.99 4.10 -1.84
N ALA A 41 10.26 3.25 -1.15
CA ALA A 41 10.73 2.69 0.11
C ALA A 41 11.99 1.86 -0.11
N LEU A 42 12.07 1.20 -1.26
CA LEU A 42 13.25 0.43 -1.61
C LEU A 42 14.43 1.37 -1.89
N ASP A 43 14.16 2.44 -2.63
CA ASP A 43 15.18 3.46 -2.88
C ASP A 43 15.78 3.93 -1.57
N LYS A 44 14.92 4.30 -0.62
CA LYS A 44 15.35 4.84 0.66
C LYS A 44 16.25 3.89 1.44
N ILE A 45 15.87 2.62 1.53
CA ILE A 45 16.68 1.66 2.28
C ILE A 45 18.00 1.39 1.57
N ARG A 46 17.98 1.51 0.24
CA ARG A 46 19.18 1.31 -0.54
C ARG A 46 20.09 2.54 -0.42
N TYR A 47 19.52 3.72 -0.55
CA TYR A 47 20.29 4.94 -0.35
C TYR A 47 20.89 4.95 1.03
N LYS A 48 20.07 4.63 2.03
CA LYS A 48 20.54 4.59 3.42
C LYS A 48 21.70 3.63 3.60
N SER A 49 21.61 2.49 2.92
CA SER A 49 22.61 1.43 3.07
C SER A 49 23.98 1.85 2.51
N LEU A 50 24.00 2.92 1.73
CA LEU A 50 25.25 3.43 1.19
C LEU A 50 26.24 3.78 2.29
N SER A 51 25.73 4.35 3.39
CA SER A 51 26.56 4.76 4.51
C SER A 51 26.41 3.83 5.71
N ASP A 52 25.72 2.72 5.50
CA ASP A 52 25.52 1.72 6.54
C ASP A 52 24.92 0.46 5.94
N PRO A 53 25.77 -0.37 5.31
CA PRO A 53 25.37 -1.59 4.61
C PRO A 53 24.69 -2.60 5.52
N LYS A 54 24.95 -2.53 6.83
CA LYS A 54 24.37 -3.47 7.78
C LYS A 54 22.85 -3.35 7.82
N GLN A 55 22.34 -2.22 7.35
CA GLN A 55 20.90 -2.00 7.31
C GLN A 55 20.20 -3.03 6.42
N LEU A 56 20.93 -3.56 5.46
CA LEU A 56 20.37 -4.52 4.51
C LEU A 56 20.26 -5.93 5.09
N GLU A 57 21.02 -6.20 6.14
CA GLU A 57 21.12 -7.58 6.66
C GLU A 57 19.82 -8.17 7.18
N THR A 58 18.85 -7.33 7.54
CA THR A 58 17.55 -7.81 8.01
C THR A 58 16.75 -8.42 6.87
N GLU A 59 17.13 -8.10 5.64
CA GLU A 59 16.48 -8.63 4.45
C GLU A 59 17.30 -8.23 3.22
N PRO A 60 18.33 -9.02 2.90
CA PRO A 60 19.33 -8.74 1.86
C PRO A 60 18.74 -8.51 0.48
N ASP A 61 17.62 -9.16 0.18
CA ASP A 61 17.01 -9.04 -1.15
C ASP A 61 16.04 -7.88 -1.25
N LEU A 62 16.19 -7.08 -2.30
CA LEU A 62 15.33 -5.95 -2.55
C LEU A 62 14.31 -6.29 -3.61
N PHE A 63 13.04 -6.36 -3.23
CA PHE A 63 12.01 -6.83 -4.15
C PHE A 63 10.64 -6.21 -3.89
N ILE A 64 9.78 -6.29 -4.91
CA ILE A 64 8.37 -6.01 -4.75
C ILE A 64 7.62 -7.31 -5.05
N ARG A 65 6.72 -7.71 -4.16
CA ARG A 65 6.03 -8.99 -4.31
C ARG A 65 4.52 -8.86 -4.18
N ILE A 66 3.81 -9.37 -5.17
CA ILE A 66 2.36 -9.29 -5.18
C ILE A 66 1.75 -10.66 -4.96
N THR A 67 0.88 -10.77 -3.96
CA THR A 67 0.29 -12.05 -3.57
C THR A 67 -1.22 -11.98 -3.47
N PRO A 68 -1.93 -12.50 -4.49
CA PRO A 68 -3.39 -12.62 -4.34
C PRO A 68 -3.75 -13.76 -3.38
N LYS A 69 -4.79 -13.52 -2.57
CA LYS A 69 -5.33 -14.55 -1.68
C LYS A 69 -6.82 -14.65 -1.92
N PRO A 70 -7.21 -15.22 -3.07
CA PRO A 70 -8.59 -15.25 -3.58
C PRO A 70 -9.63 -15.68 -2.55
N GLU A 71 -9.32 -16.71 -1.78
CA GLU A 71 -10.28 -17.24 -0.81
C GLU A 71 -10.58 -16.25 0.32
N GLN A 72 -9.79 -15.19 0.40
CA GLN A 72 -10.00 -14.17 1.43
C GLN A 72 -10.38 -12.83 0.80
N LYS A 73 -10.45 -12.82 -0.53
CA LYS A 73 -10.69 -11.59 -1.27
C LYS A 73 -9.64 -10.55 -0.93
N VAL A 74 -8.40 -11.01 -0.75
CA VAL A 74 -7.29 -10.15 -0.37
C VAL A 74 -6.19 -10.10 -1.43
N LEU A 75 -5.64 -8.92 -1.64
CA LEU A 75 -4.44 -8.75 -2.46
C LEU A 75 -3.37 -8.08 -1.62
N GLU A 76 -2.20 -8.71 -1.52
CA GLU A 76 -1.09 -8.15 -0.77
C GLU A 76 0.01 -7.61 -1.67
N ILE A 77 0.49 -6.41 -1.36
CA ILE A 77 1.65 -5.86 -2.04
C ILE A 77 2.76 -5.66 -1.01
N ARG A 78 3.83 -6.43 -1.16
CA ARG A 78 4.94 -6.39 -0.21
C ARG A 78 6.21 -5.86 -0.85
N ASP A 79 7.01 -5.16 -0.05
CA ASP A 79 8.34 -4.72 -0.47
C ASP A 79 9.31 -4.89 0.69
N SER A 80 10.60 -5.02 0.39
CA SER A 80 11.61 -5.07 1.43
C SER A 80 12.28 -3.70 1.57
N GLY A 81 11.47 -2.65 1.51
CA GLY A 81 11.96 -1.29 1.65
C GLY A 81 12.35 -0.96 3.08
N ILE A 82 12.43 0.33 3.39
CA ILE A 82 12.91 0.80 4.68
C ILE A 82 11.91 0.57 5.81
N GLY A 83 10.63 0.49 5.46
CA GLY A 83 9.60 0.24 6.45
C GLY A 83 9.25 1.46 7.28
N MET A 84 8.34 1.30 8.23
CA MET A 84 7.89 2.37 9.09
C MET A 84 7.78 1.91 10.54
N THR A 85 8.21 2.76 11.46
CA THR A 85 8.08 2.49 12.88
C THR A 85 6.65 2.74 13.34
N LYS A 86 6.34 2.43 14.59
CA LYS A 86 5.03 2.72 15.15
C LYS A 86 4.69 4.21 15.03
N ALA A 87 5.65 5.05 15.40
CA ALA A 87 5.44 6.49 15.35
C ALA A 87 5.20 6.98 13.93
N GLU A 88 5.97 6.46 12.98
CA GLU A 88 5.80 6.82 11.57
C GLU A 88 4.43 6.42 11.06
N LEU A 89 3.96 5.23 11.43
CA LEU A 89 2.63 4.78 11.01
C LEU A 89 1.55 5.72 11.55
N ILE A 90 1.68 6.08 12.82
CA ILE A 90 0.72 6.98 13.46
C ILE A 90 0.74 8.37 12.84
N ASN A 91 1.93 8.87 12.55
CA ASN A 91 2.11 10.23 12.03
C ASN A 91 1.89 10.34 10.53
N ASN A 92 2.66 9.55 9.77
CA ASN A 92 2.64 9.62 8.31
C ASN A 92 1.25 9.49 7.71
N LEU A 93 0.52 8.44 8.06
CA LEU A 93 -0.89 8.35 7.70
C LEU A 93 -1.74 8.83 8.86
N GLY A 94 -2.00 10.13 8.88
CA GLY A 94 -2.75 10.75 9.96
C GLY A 94 -3.77 11.74 9.45
N LYS A 98 0.29 17.76 5.83
CA LYS A 98 -0.47 16.64 5.31
C LYS A 98 -0.97 16.88 3.89
N SER A 99 -1.29 18.14 3.59
CA SER A 99 -2.06 18.48 2.41
C SER A 99 -1.31 18.64 1.09
N GLY A 100 -1.28 17.54 0.33
CA GLY A 100 -1.35 17.65 -1.11
C GLY A 100 -2.83 17.35 -1.24
N THR A 101 -3.37 16.87 -0.11
CA THR A 101 -4.76 16.45 0.03
C THR A 101 -5.75 17.48 -0.47
N LYS A 102 -5.97 18.52 0.33
CA LYS A 102 -6.98 19.53 0.00
C LYS A 102 -6.82 20.02 -1.44
N ALA A 103 -5.57 20.16 -1.87
CA ALA A 103 -5.27 20.62 -3.21
C ALA A 103 -5.67 19.60 -4.28
N PHE A 104 -5.50 18.32 -3.97
CA PHE A 104 -5.90 17.27 -4.91
C PHE A 104 -7.42 17.20 -5.01
N MET A 105 -8.10 17.34 -3.88
CA MET A 105 -9.56 17.36 -3.85
C MET A 105 -10.09 18.51 -4.69
N GLU A 106 -9.37 19.63 -4.69
CA GLU A 106 -9.78 20.80 -5.44
C GLU A 106 -9.60 20.55 -6.93
N ALA A 107 -8.48 19.93 -7.28
CA ALA A 107 -8.23 19.56 -8.67
C ALA A 107 -9.29 18.59 -9.17
N LEU A 108 -9.70 17.65 -8.31
CA LEU A 108 -10.75 16.71 -8.66
C LEU A 108 -12.06 17.42 -8.97
N SER A 109 -12.44 18.33 -8.09
CA SER A 109 -13.66 19.11 -8.27
C SER A 109 -13.67 19.84 -9.62
N ALA A 110 -12.49 20.22 -10.08
CA ALA A 110 -12.36 20.98 -11.32
C ALA A 110 -12.30 20.09 -12.55
N GLY A 111 -12.20 18.78 -12.34
CA GLY A 111 -12.24 17.84 -13.44
C GLY A 111 -10.96 17.04 -13.64
N ALA A 112 -9.99 17.21 -12.76
CA ALA A 112 -8.75 16.45 -12.85
C ALA A 112 -9.02 14.95 -12.82
N ASP A 113 -8.19 14.18 -13.50
CA ASP A 113 -8.33 12.73 -13.49
C ASP A 113 -7.73 12.18 -12.20
N VAL A 114 -8.41 11.18 -11.63
CA VAL A 114 -7.95 10.58 -10.38
C VAL A 114 -6.50 10.13 -10.45
N SER A 115 -6.02 9.84 -11.66
CA SER A 115 -4.67 9.32 -11.84
C SER A 115 -3.57 10.34 -11.50
N MET A 116 -3.95 11.61 -11.38
CA MET A 116 -2.99 12.64 -10.96
C MET A 116 -2.68 12.51 -9.48
N ILE A 117 -3.45 11.68 -8.79
CA ILE A 117 -3.36 11.58 -7.33
C ILE A 117 -1.91 11.48 -6.83
N GLY A 118 -1.10 10.69 -7.53
CA GLY A 118 0.29 10.50 -7.13
C GLY A 118 1.12 11.76 -7.22
N GLN A 119 0.67 12.69 -8.04
CA GLN A 119 1.38 13.95 -8.23
C GLN A 119 1.24 14.85 -7.00
N PHE A 120 0.16 14.64 -6.24
CA PHE A 120 -0.13 15.41 -5.04
C PHE A 120 0.38 14.72 -3.78
N GLY A 121 1.06 13.59 -3.97
CA GLY A 121 1.70 12.87 -2.89
C GLY A 121 0.76 12.09 -2.00
N VAL A 122 -0.45 11.82 -2.50
CA VAL A 122 -1.44 11.11 -1.70
C VAL A 122 -1.98 9.88 -2.42
N GLY A 123 -1.15 9.29 -3.29
CA GLY A 123 -1.54 8.13 -4.06
C GLY A 123 -1.90 6.90 -3.23
N PHE A 124 -1.39 6.85 -2.01
CA PHE A 124 -1.71 5.75 -1.11
C PHE A 124 -3.21 5.51 -1.04
N TYR A 125 -3.97 6.60 -1.00
CA TYR A 125 -5.42 6.50 -0.80
C TYR A 125 -6.17 6.06 -2.04
N SER A 126 -5.45 5.86 -3.14
CA SER A 126 -6.07 5.33 -4.35
C SER A 126 -6.52 3.88 -4.15
N LEU A 127 -6.02 3.24 -3.10
CA LEU A 127 -6.36 1.85 -2.84
C LEU A 127 -7.85 1.68 -2.56
N PHE A 128 -8.49 2.73 -2.06
CA PHE A 128 -9.91 2.67 -1.74
C PHE A 128 -10.79 2.66 -2.99
N LEU A 129 -10.15 2.70 -4.16
CA LEU A 129 -10.86 2.49 -5.41
C LEU A 129 -11.33 1.04 -5.52
N VAL A 130 -10.50 0.13 -5.04
CA VAL A 130 -10.80 -1.30 -5.18
C VAL A 130 -10.98 -2.01 -3.84
N ALA A 131 -10.63 -1.31 -2.76
CA ALA A 131 -10.71 -1.91 -1.43
C ALA A 131 -11.51 -1.05 -0.46
N ASP A 132 -12.30 -1.69 0.39
CA ASP A 132 -13.06 -0.99 1.41
C ASP A 132 -12.41 -1.15 2.78
N ARG A 133 -11.19 -1.66 2.78
CA ARG A 133 -10.46 -1.94 4.02
C ARG A 133 -9.02 -2.30 3.71
N VAL A 134 -8.10 -1.81 4.54
CA VAL A 134 -6.68 -2.05 4.32
C VAL A 134 -5.92 -2.21 5.62
N GLN A 135 -4.98 -3.15 5.63
CA GLN A 135 -4.02 -3.25 6.71
C GLN A 135 -2.64 -2.95 6.16
N VAL A 136 -1.93 -2.05 6.80
CA VAL A 136 -0.54 -1.80 6.47
C VAL A 136 0.32 -2.47 7.55
N ILE A 137 1.06 -3.49 7.14
CA ILE A 137 1.92 -4.23 8.06
C ILE A 137 3.34 -3.82 7.77
N SER A 138 4.06 -3.35 8.79
CA SER A 138 5.35 -2.75 8.52
C SER A 138 6.39 -3.08 9.57
N LYS A 139 7.61 -3.30 9.09
CA LYS A 139 8.75 -3.61 9.94
C LYS A 139 9.94 -2.74 9.57
N SER A 140 10.24 -1.76 10.42
CA SER A 140 11.43 -0.95 10.25
C SER A 140 12.54 -1.56 11.10
N ASN A 141 13.78 -1.44 10.66
CA ASN A 141 14.91 -1.91 11.46
C ASN A 141 14.91 -1.28 12.85
N ASP A 142 14.23 -0.16 13.01
CA ASP A 142 14.27 0.62 14.25
C ASP A 142 13.10 0.36 15.20
N ASP A 143 12.21 -0.57 14.83
CA ASP A 143 11.06 -0.85 15.69
C ASP A 143 10.57 -2.28 15.51
N GLU A 144 9.55 -2.65 16.28
CA GLU A 144 8.92 -3.95 16.14
C GLU A 144 7.93 -3.90 14.97
N GLN A 145 7.39 -5.04 14.58
CA GLN A 145 6.40 -5.09 13.51
C GLN A 145 5.05 -4.61 14.04
N TYR A 146 4.38 -3.74 13.28
CA TYR A 146 3.09 -3.19 13.67
C TYR A 146 2.04 -3.28 12.56
N ILE A 147 0.77 -3.26 12.95
CA ILE A 147 -0.33 -3.26 12.00
C ILE A 147 -1.13 -1.97 12.08
N TRP A 148 -1.22 -1.27 10.96
CA TRP A 148 -2.03 -0.07 10.83
C TRP A 148 -3.27 -0.49 10.04
N GLU A 149 -4.45 -0.13 10.52
CA GLU A 149 -5.68 -0.57 9.85
C GLU A 149 -6.73 0.52 9.71
N SER A 150 -7.36 0.60 8.54
CA SER A 150 -8.39 1.58 8.27
C SER A 150 -9.50 1.03 7.38
N ASN A 151 -10.73 1.42 7.67
CA ASN A 151 -11.90 0.99 6.90
C ASN A 151 -12.60 2.18 6.25
N ALA A 152 -11.82 3.18 5.84
CA ALA A 152 -12.35 4.37 5.20
C ALA A 152 -13.11 5.28 6.17
N GLY A 153 -13.23 4.84 7.41
CA GLY A 153 -13.90 5.62 8.44
C GLY A 153 -13.10 6.82 8.88
N GLY A 154 -13.40 7.33 10.06
CA GLY A 154 -12.72 8.50 10.58
C GLY A 154 -11.57 8.19 11.53
N SER A 155 -11.46 6.92 11.93
CA SER A 155 -10.39 6.52 12.83
C SER A 155 -9.63 5.32 12.27
N PHE A 156 -8.38 5.16 12.70
CA PHE A 156 -7.58 4.00 12.35
C PHE A 156 -6.96 3.41 13.61
N THR A 157 -6.50 2.17 13.52
CA THR A 157 -5.87 1.51 14.65
C THR A 157 -4.42 1.15 14.37
N VAL A 158 -3.62 1.12 15.43
CA VAL A 158 -2.26 0.63 15.34
C VAL A 158 -2.06 -0.42 16.41
N THR A 159 -1.53 -1.57 16.03
CA THR A 159 -1.40 -2.69 16.95
C THR A 159 -0.07 -3.41 16.74
N LEU A 160 0.62 -3.71 17.83
CA LEU A 160 1.80 -4.56 17.75
C LEU A 160 1.40 -5.86 17.05
N ASP A 161 2.24 -6.33 16.12
CA ASP A 161 1.88 -7.47 15.29
C ASP A 161 2.27 -8.80 15.93
N GLU A 162 1.27 -9.56 16.35
CA GLU A 162 1.52 -10.90 16.87
C GLU A 162 0.71 -11.95 16.11
N VAL A 163 0.29 -11.63 14.89
CA VAL A 163 -0.58 -12.53 14.14
C VAL A 163 -0.16 -12.78 12.69
N ASN A 164 0.74 -11.95 12.15
CA ASN A 164 1.16 -12.08 10.76
C ASN A 164 2.55 -12.68 10.63
N GLU A 165 2.88 -13.16 9.43
CA GLU A 165 4.22 -13.66 9.16
C GLU A 165 5.24 -12.58 9.45
N ARG A 166 6.44 -12.98 9.89
CA ARG A 166 7.50 -12.03 10.15
C ARG A 166 8.01 -11.41 8.85
N ILE A 167 8.03 -10.09 8.80
CA ILE A 167 8.73 -9.39 7.74
C ILE A 167 10.15 -9.22 8.24
N GLY A 168 11.12 -9.58 7.41
CA GLY A 168 12.50 -9.28 7.73
C GLY A 168 12.59 -7.77 7.89
N ARG A 169 12.15 -7.07 6.85
CA ARG A 169 12.14 -5.61 6.84
C ARG A 169 11.23 -5.17 5.71
N GLY A 170 10.46 -4.10 5.94
CA GLY A 170 9.63 -3.56 4.88
C GLY A 170 8.16 -3.45 5.22
N THR A 171 7.33 -3.45 4.17
CA THR A 171 5.92 -3.16 4.33
C THR A 171 5.04 -4.08 3.51
N ILE A 172 3.92 -4.49 4.09
CA ILE A 172 2.89 -5.19 3.35
C ILE A 172 1.63 -4.34 3.34
N LEU A 173 1.12 -4.06 2.15
CA LEU A 173 -0.22 -3.51 2.03
C LEU A 173 -1.18 -4.66 1.77
N ARG A 174 -2.08 -4.90 2.73
CA ARG A 174 -3.06 -5.96 2.60
C ARG A 174 -4.42 -5.36 2.27
N LEU A 175 -4.79 -5.46 0.99
CA LEU A 175 -6.05 -4.90 0.51
C LEU A 175 -7.18 -5.91 0.61
N PHE A 176 -8.24 -5.51 1.31
CA PHE A 176 -9.48 -6.28 1.34
C PHE A 176 -10.39 -5.77 0.22
N LEU A 177 -10.32 -6.43 -0.93
CA LEU A 177 -11.01 -5.97 -2.14
C LEU A 177 -12.53 -5.94 -2.00
N LYS A 178 -13.16 -5.05 -2.78
CA LYS A 178 -14.62 -5.01 -2.86
C LYS A 178 -15.16 -6.21 -3.64
N ASP A 179 -16.37 -6.67 -3.28
CA ASP A 179 -16.99 -7.83 -3.91
C ASP A 179 -17.02 -7.75 -5.44
N ASP A 180 -17.03 -6.53 -5.98
CA ASP A 180 -17.10 -6.33 -7.42
C ASP A 180 -15.75 -5.98 -8.05
N GLN A 181 -14.67 -6.32 -7.35
CA GLN A 181 -13.33 -6.00 -7.83
C GLN A 181 -12.40 -7.20 -7.69
N LEU A 182 -12.95 -8.37 -7.42
CA LEU A 182 -12.17 -9.60 -7.25
C LEU A 182 -11.28 -9.82 -8.46
N GLU A 183 -11.68 -9.21 -9.55
CA GLU A 183 -10.87 -9.01 -10.74
C GLU A 183 -9.38 -9.08 -10.47
N TYR A 184 -8.91 -8.24 -9.54
CA TYR A 184 -7.48 -8.04 -9.34
C TYR A 184 -6.78 -9.16 -8.56
N LEU A 185 -7.47 -10.27 -8.40
CA LEU A 185 -6.90 -11.48 -7.80
C LEU A 185 -6.36 -12.40 -8.88
N GLU A 186 -6.57 -12.03 -10.14
CA GLU A 186 -6.22 -12.90 -11.27
CA GLU A 186 -6.21 -12.89 -11.26
C GLU A 186 -4.86 -12.56 -11.87
N GLU A 187 -4.03 -13.58 -12.06
CA GLU A 187 -2.67 -13.42 -12.57
C GLU A 187 -2.60 -12.64 -13.89
N LYS A 188 -3.44 -13.02 -14.85
CA LYS A 188 -3.44 -12.35 -16.15
C LYS A 188 -3.77 -10.86 -15.97
N ARG A 189 -4.82 -10.59 -15.22
CA ARG A 189 -5.22 -9.21 -14.97
C ARG A 189 -4.09 -8.39 -14.35
N ILE A 190 -3.44 -8.96 -13.33
CA ILE A 190 -2.37 -8.28 -12.60
C ILE A 190 -1.17 -7.94 -13.49
N LYS A 191 -0.66 -8.93 -14.21
CA LYS A 191 0.52 -8.73 -15.06
C LYS A 191 0.25 -7.65 -16.10
N GLU A 192 -0.98 -7.64 -16.61
CA GLU A 192 -1.43 -6.67 -17.60
C GLU A 192 -1.31 -5.24 -17.04
N VAL A 193 -1.82 -5.05 -15.82
CA VAL A 193 -1.79 -3.73 -15.20
C VAL A 193 -0.35 -3.27 -14.96
N ILE A 194 0.50 -4.20 -14.55
CA ILE A 194 1.91 -3.88 -14.29
C ILE A 194 2.64 -3.45 -15.54
N LYS A 195 2.49 -4.24 -16.61
CA LYS A 195 3.13 -3.93 -17.88
C LYS A 195 2.72 -2.55 -18.39
N ARG A 196 1.47 -2.19 -18.14
CA ARG A 196 0.92 -0.94 -18.66
C ARG A 196 1.41 0.32 -17.94
N HIS A 197 1.71 0.22 -16.65
CA HIS A 197 2.01 1.42 -15.87
C HIS A 197 3.33 1.38 -15.09
N SER A 198 3.96 0.22 -15.04
CA SER A 198 5.20 0.08 -14.27
C SER A 198 6.33 -0.54 -15.08
N GLU A 199 6.57 0.01 -16.27
CA GLU A 199 7.62 -0.50 -17.15
C GLU A 199 9.02 -0.28 -16.58
N PHE A 200 9.25 0.90 -16.01
CA PHE A 200 10.57 1.25 -15.52
C PHE A 200 10.64 1.20 -14.00
N VAL A 201 10.72 -0.01 -13.46
CA VAL A 201 10.92 -0.21 -12.04
C VAL A 201 12.27 -0.89 -11.84
N ALA A 202 13.13 -0.29 -11.02
CA ALA A 202 14.49 -0.77 -10.83
C ALA A 202 14.55 -2.08 -10.06
N TYR A 203 13.43 -2.49 -9.48
CA TYR A 203 13.42 -3.68 -8.64
C TYR A 203 12.53 -4.76 -9.22
N PRO A 204 12.93 -6.03 -9.03
CA PRO A 204 12.11 -7.13 -9.53
C PRO A 204 10.72 -7.10 -8.90
N ILE A 205 9.70 -7.19 -9.76
CA ILE A 205 8.34 -7.33 -9.28
C ILE A 205 7.93 -8.80 -9.39
N GLN A 206 7.73 -9.44 -8.26
CA GLN A 206 7.41 -10.86 -8.23
C GLN A 206 5.91 -11.08 -8.06
N LEU A 207 5.38 -12.08 -8.77
CA LEU A 207 3.99 -12.46 -8.63
C LEU A 207 3.90 -13.85 -8.02
N VAL A 208 3.17 -13.97 -6.93
CA VAL A 208 3.00 -15.26 -6.26
C VAL A 208 1.70 -15.92 -6.73
N VAL A 209 1.83 -17.03 -7.44
CA VAL A 209 0.69 -17.69 -8.03
C VAL A 209 0.51 -19.10 -7.47
N THR A 210 -0.74 -19.44 -7.14
CA THR A 210 -1.04 -20.75 -6.58
C THR A 210 -1.79 -21.61 -7.58
N LYS A 211 -1.23 -22.77 -7.92
CA LYS A 211 -1.85 -23.64 -8.91
C LYS A 211 -1.96 -25.08 -8.43
N GLU A 212 -3.11 -25.70 -8.69
CA GLU A 212 -3.31 -27.10 -8.34
C GLU A 212 -2.46 -27.99 -9.25
N VAL A 213 -1.85 -29.00 -8.65
CA VAL A 213 -1.09 -29.99 -9.41
C VAL A 213 -2.05 -31.04 -9.95
N GLU A 214 -1.99 -31.28 -11.25
CA GLU A 214 -2.88 -32.24 -11.90
C GLU A 214 -2.13 -33.13 -12.89
#